data_5O01
#
_entry.id   5O01
#
_cell.length_a   119.734
_cell.length_b   119.734
_cell.length_c   239.366
_cell.angle_alpha   90.00
_cell.angle_beta   90.00
_cell.angle_gamma   120.00
#
_symmetry.space_group_name_H-M   'H 3 2'
#
loop_
_entity.id
_entity.type
_entity.pdbx_description
1 polymer 'BKLC (bacterial kinesin-light chain-like)'
2 water water
#
_entity_poly.entity_id   1
_entity_poly.type   'polypeptide(L)'
_entity_poly.pdbx_seq_one_letter_code
;MDTALERQIASASRSVEEARRLAYHDPIRVGALVEQISVLADLRQKEGDFRKAESLYREALFRAQELRKQDPDLLTGIYS
LLAHLYDRWGRMDKAAEFYELALKISAENGLEESDKVATIKNNLAMIFKQLRKFERAEGYYCEALETFQRLDGEQSARVA
SVYNNLGVLYYSHMDVDRAQVMHERALAIRQNLHEGQMDPADLSQTFINLGAVYKAAGDFQKAEACVDRAKRIRAAMNGY
HPNPRRSASLLIDKSL
;
_entity_poly.pdbx_strand_id   A,B
#
# COMPACT_ATOMS: atom_id res chain seq x y z
N ASP A 2 -3.50 -30.32 24.98
CA ASP A 2 -2.72 -31.58 25.15
C ASP A 2 -2.15 -32.03 23.79
N THR A 3 -2.88 -31.71 22.71
CA THR A 3 -2.51 -31.94 21.27
C THR A 3 -1.11 -31.44 20.87
N ALA A 4 -0.46 -32.11 19.90
CA ALA A 4 0.97 -31.82 19.53
C ALA A 4 1.17 -30.38 19.05
N LEU A 5 0.18 -29.91 18.28
CA LEU A 5 0.19 -28.56 17.74
C LEU A 5 0.07 -27.52 18.84
N GLU A 6 -0.83 -27.74 19.81
CA GLU A 6 -0.96 -26.86 20.99
C GLU A 6 0.35 -26.75 21.79
N ARG A 7 1.12 -27.83 21.82
CA ARG A 7 2.42 -27.89 22.51
C ARG A 7 3.46 -27.06 21.77
N GLN A 8 3.53 -27.26 20.45
CA GLN A 8 4.38 -26.44 19.58
C GLN A 8 4.05 -24.94 19.69
N ILE A 9 2.78 -24.59 19.85
CA ILE A 9 2.36 -23.22 19.97
C ILE A 9 2.81 -22.64 21.30
N ALA A 10 2.69 -23.39 22.39
CA ALA A 10 3.05 -22.92 23.74
C ALA A 10 4.54 -22.57 23.78
N SER A 11 5.33 -23.47 23.20
CA SER A 11 6.77 -23.37 23.13
C SER A 11 7.18 -22.14 22.30
N ALA A 12 6.58 -22.04 21.10
CA ALA A 12 6.83 -20.93 20.17
C ALA A 12 6.37 -19.61 20.73
N SER A 13 5.24 -19.58 21.43
CA SER A 13 4.78 -18.37 22.12
C SER A 13 5.74 -17.92 23.20
N ARG A 14 6.23 -18.84 24.06
CA ARG A 14 7.18 -18.46 25.13
C ARG A 14 8.41 -17.87 24.49
N SER A 15 8.92 -18.55 23.47
CA SER A 15 10.12 -18.14 22.79
C SER A 15 9.95 -16.73 22.15
N VAL A 16 8.73 -16.43 21.65
CA VAL A 16 8.41 -15.10 21.07
C VAL A 16 8.36 -14.07 22.20
N GLU A 17 7.63 -14.36 23.26
CA GLU A 17 7.53 -13.51 24.48
C GLU A 17 8.89 -13.19 25.05
N GLU A 18 9.78 -14.17 25.10
CA GLU A 18 11.17 -13.94 25.49
C GLU A 18 11.85 -12.97 24.56
N ALA A 19 11.79 -13.19 23.25
CA ALA A 19 12.37 -12.22 22.31
C ALA A 19 11.72 -10.80 22.37
N ARG A 20 10.42 -10.72 22.69
CA ARG A 20 9.73 -9.44 22.87
C ARG A 20 10.34 -8.69 24.05
N ARG A 21 10.46 -9.35 25.22
CA ARG A 21 11.03 -8.79 26.47
C ARG A 21 12.46 -8.37 26.25
N LEU A 22 13.25 -9.25 25.65
CA LEU A 22 14.62 -8.90 25.23
C LEU A 22 14.66 -7.60 24.44
N ALA A 23 13.70 -7.38 23.54
CA ALA A 23 13.70 -6.21 22.67
C ALA A 23 13.09 -5.00 23.41
N TYR A 24 12.37 -5.25 24.50
CA TYR A 24 12.00 -4.22 25.47
C TYR A 24 13.24 -3.68 26.20
N HIS A 25 14.03 -4.59 26.79
CA HIS A 25 15.30 -4.22 27.48
C HIS A 25 16.36 -3.64 26.50
N ASP A 26 16.41 -4.19 25.30
CA ASP A 26 17.36 -3.75 24.31
C ASP A 26 16.67 -3.58 22.92
N PRO A 27 16.16 -2.35 22.61
CA PRO A 27 15.34 -2.17 21.39
C PRO A 27 16.00 -2.55 20.06
N ILE A 28 17.33 -2.62 20.02
CA ILE A 28 18.07 -3.00 18.82
C ILE A 28 17.90 -4.49 18.32
N ARG A 29 17.48 -5.42 19.19
CA ARG A 29 17.53 -6.91 18.89
C ARG A 29 16.37 -7.47 17.99
N VAL A 30 16.03 -6.70 16.97
CA VAL A 30 14.78 -6.86 16.21
C VAL A 30 14.85 -8.10 15.34
N GLY A 31 16.03 -8.33 14.74
CA GLY A 31 16.25 -9.49 13.88
C GLY A 31 15.84 -10.81 14.57
N ALA A 32 16.24 -10.99 15.83
CA ALA A 32 15.94 -12.22 16.56
C ALA A 32 14.42 -12.37 16.84
N LEU A 33 13.76 -11.24 17.08
CA LEU A 33 12.31 -11.25 17.29
C LEU A 33 11.61 -11.79 16.04
N VAL A 34 12.07 -11.35 14.87
CA VAL A 34 11.54 -11.76 13.57
C VAL A 34 11.64 -13.28 13.42
N GLU A 35 12.82 -13.82 13.71
CA GLU A 35 13.03 -15.25 13.62
C GLU A 35 12.08 -16.07 14.47
N GLN A 36 11.93 -15.67 15.72
CA GLN A 36 11.01 -16.33 16.63
C GLN A 36 9.58 -16.20 16.17
N ILE A 37 9.23 -15.00 15.67
CA ILE A 37 7.92 -14.75 15.13
C ILE A 37 7.64 -15.68 13.91
N SER A 38 8.63 -15.88 13.04
CA SER A 38 8.37 -16.69 11.85
C SER A 38 7.89 -18.11 12.23
N VAL A 39 8.43 -18.66 13.31
CA VAL A 39 8.09 -20.00 13.74
C VAL A 39 6.65 -20.05 14.30
N LEU A 40 6.32 -19.08 15.14
CA LEU A 40 4.99 -18.99 15.72
C LEU A 40 3.96 -18.68 14.58
N ALA A 41 4.29 -17.78 13.67
CA ALA A 41 3.40 -17.40 12.56
C ALA A 41 3.11 -18.61 11.70
N ASP A 42 4.16 -19.39 11.38
CA ASP A 42 3.96 -20.70 10.73
C ASP A 42 2.91 -21.59 11.40
N LEU A 43 2.91 -21.63 12.71
CA LEU A 43 2.04 -22.52 13.43
C LEU A 43 0.63 -21.99 13.39
N ARG A 44 0.49 -20.66 13.46
CA ARG A 44 -0.81 -20.04 13.40
C ARG A 44 -1.42 -20.24 12.03
N GLN A 45 -0.59 -20.24 10.98
CA GLN A 45 -1.06 -20.55 9.64
C GLN A 45 -1.56 -21.99 9.53
N LYS A 46 -0.81 -22.90 10.14
CA LYS A 46 -1.15 -24.30 10.10
C LYS A 46 -2.50 -24.51 10.74
N GLU A 47 -2.80 -23.80 11.83
CA GLU A 47 -4.14 -23.91 12.43
C GLU A 47 -5.19 -22.99 11.78
N GLY A 48 -4.80 -22.29 10.72
CA GLY A 48 -5.70 -21.39 10.04
C GLY A 48 -5.95 -20.02 10.65
N ASP A 49 -5.36 -19.71 11.81
CA ASP A 49 -5.43 -18.34 12.33
C ASP A 49 -4.49 -17.32 11.58
N PHE A 50 -4.86 -16.96 10.33
CA PHE A 50 -4.04 -16.08 9.53
C PHE A 50 -3.96 -14.64 10.03
N ARG A 51 -5.03 -14.11 10.63
CA ARG A 51 -5.00 -12.78 11.25
C ARG A 51 -4.01 -12.71 12.40
N LYS A 52 -3.83 -13.80 13.16
CA LYS A 52 -2.83 -13.79 14.22
C LYS A 52 -1.45 -13.77 13.63
N ALA A 53 -1.23 -14.56 12.61
CA ALA A 53 0.04 -14.58 11.93
C ALA A 53 0.36 -13.19 11.37
N GLU A 54 -0.63 -12.54 10.75
CA GLU A 54 -0.46 -11.23 10.20
C GLU A 54 -0.08 -10.20 11.27
N SER A 55 -0.76 -10.30 12.41
CA SER A 55 -0.46 -9.39 13.51
C SER A 55 0.98 -9.51 13.99
N LEU A 56 1.51 -10.74 14.07
CA LEU A 56 2.87 -10.98 14.49
C LEU A 56 3.86 -10.29 13.56
N TYR A 57 3.62 -10.42 12.25
CA TYR A 57 4.53 -9.83 11.29
C TYR A 57 4.43 -8.34 11.23
N ARG A 58 3.25 -7.82 11.48
CA ARG A 58 3.08 -6.38 11.56
C ARG A 58 3.81 -5.83 12.77
N GLU A 59 3.79 -6.60 13.86
CA GLU A 59 4.51 -6.19 15.05
C GLU A 59 6.03 -6.13 14.78
N ALA A 60 6.54 -7.20 14.15
CA ALA A 60 7.93 -7.23 13.71
C ALA A 60 8.28 -6.01 12.87
N LEU A 61 7.36 -5.69 11.95
CA LEU A 61 7.55 -4.58 11.04
C LEU A 61 7.60 -3.26 11.79
N PHE A 62 6.69 -3.02 12.75
CA PHE A 62 6.67 -1.79 13.52
C PHE A 62 7.98 -1.62 14.31
N ARG A 63 8.45 -2.70 14.95
CA ARG A 63 9.76 -2.63 15.61
C ARG A 63 10.90 -2.25 14.65
N ALA A 64 10.90 -2.83 13.46
CA ALA A 64 11.92 -2.51 12.48
C ALA A 64 11.82 -1.06 12.02
N GLN A 65 10.60 -0.59 11.86
CA GLN A 65 10.38 0.77 11.47
C GLN A 65 10.84 1.80 12.54
N GLU A 66 10.82 1.43 13.80
CA GLU A 66 11.22 2.33 14.87
C GLU A 66 12.74 2.38 15.12
N LEU A 67 13.53 1.51 14.48
CA LEU A 67 14.99 1.60 14.63
C LEU A 67 15.54 3.00 14.29
N ARG A 68 16.43 3.52 15.12
CA ARG A 68 17.06 4.81 14.80
C ARG A 68 17.96 4.75 13.60
N LYS A 69 18.67 3.63 13.42
CA LYS A 69 19.33 3.37 12.15
C LYS A 69 18.45 2.42 11.33
N GLN A 70 17.87 2.95 10.24
CA GLN A 70 17.00 2.17 9.38
C GLN A 70 17.72 0.98 8.77
N ASP A 71 17.10 -0.20 8.88
CA ASP A 71 17.67 -1.42 8.31
C ASP A 71 16.79 -1.90 7.14
N PRO A 72 17.06 -1.40 5.93
CA PRO A 72 16.23 -1.77 4.81
C PRO A 72 16.22 -3.29 4.51
N ASP A 73 17.34 -3.95 4.69
CA ASP A 73 17.39 -5.39 4.47
C ASP A 73 16.39 -6.14 5.38
N LEU A 74 16.28 -5.70 6.62
CA LEU A 74 15.37 -6.30 7.57
C LEU A 74 13.91 -6.09 7.12
N LEU A 75 13.59 -4.87 6.67
CA LEU A 75 12.26 -4.50 6.24
C LEU A 75 11.87 -5.31 5.00
N THR A 76 12.79 -5.39 4.04
CA THR A 76 12.65 -6.24 2.86
C THR A 76 12.21 -7.66 3.25
N GLY A 77 12.92 -8.26 4.20
CA GLY A 77 12.64 -9.61 4.65
C GLY A 77 11.28 -9.73 5.32
N ILE A 78 10.95 -8.74 6.17
CA ILE A 78 9.69 -8.74 6.86
C ILE A 78 8.51 -8.65 5.85
N TYR A 79 8.60 -7.73 4.90
CA TYR A 79 7.58 -7.62 3.86
C TYR A 79 7.45 -8.92 3.08
N SER A 80 8.55 -9.62 2.85
CA SER A 80 8.48 -10.86 2.09
C SER A 80 7.82 -11.95 2.92
N LEU A 81 8.00 -11.93 4.25
CA LEU A 81 7.28 -12.86 5.11
C LEU A 81 5.74 -12.60 5.07
N LEU A 82 5.34 -11.34 5.02
CA LEU A 82 3.92 -10.99 4.93
C LEU A 82 3.40 -11.42 3.56
N ALA A 83 4.20 -11.20 2.53
CA ALA A 83 3.84 -11.58 1.17
C ALA A 83 3.56 -13.09 1.13
N HIS A 84 4.48 -13.88 1.68
CA HIS A 84 4.32 -15.33 1.70
C HIS A 84 3.10 -15.75 2.52
N LEU A 85 2.88 -15.05 3.63
CA LEU A 85 1.67 -15.27 4.44
C LEU A 85 0.40 -15.07 3.56
N TYR A 86 0.31 -13.91 2.88
CA TYR A 86 -0.79 -13.66 1.95
C TYR A 86 -0.93 -14.71 0.86
N ASP A 87 0.18 -15.17 0.33
CA ASP A 87 0.16 -16.23 -0.65
C ASP A 87 -0.48 -17.51 -0.07
N ARG A 88 -0.03 -17.98 1.09
CA ARG A 88 -0.60 -19.20 1.66
C ARG A 88 -2.05 -18.99 2.07
N TRP A 89 -2.43 -17.77 2.38
CA TRP A 89 -3.78 -17.43 2.78
C TRP A 89 -4.69 -17.48 1.55
N GLY A 90 -4.15 -17.33 0.33
CA GLY A 90 -4.96 -17.36 -0.91
C GLY A 90 -5.32 -15.94 -1.33
N ARG A 91 -4.61 -14.94 -0.77
CA ARG A 91 -4.81 -13.54 -1.12
C ARG A 91 -3.74 -13.13 -2.14
N MET A 92 -3.90 -13.62 -3.35
CA MET A 92 -2.86 -13.57 -4.38
C MET A 92 -2.46 -12.17 -4.76
N ASP A 93 -3.42 -11.25 -4.80
CA ASP A 93 -3.04 -9.87 -5.17
C ASP A 93 -2.17 -9.21 -4.12
N LYS A 94 -2.46 -9.52 -2.86
CA LYS A 94 -1.82 -8.89 -1.75
C LYS A 94 -0.39 -9.44 -1.64
N ALA A 95 -0.22 -10.71 -1.93
CA ALA A 95 1.10 -11.33 -1.94
C ALA A 95 1.99 -10.64 -2.96
N ALA A 96 1.47 -10.35 -4.15
CA ALA A 96 2.24 -9.65 -5.17
C ALA A 96 2.54 -8.24 -4.72
N GLU A 97 1.59 -7.60 -4.05
CA GLU A 97 1.77 -6.24 -3.61
C GLU A 97 2.90 -6.10 -2.55
N PHE A 98 2.99 -7.10 -1.69
CA PHE A 98 3.91 -7.07 -0.58
C PHE A 98 5.33 -7.47 -0.98
N TYR A 99 5.46 -8.41 -1.93
CA TYR A 99 6.75 -8.70 -2.55
C TYR A 99 7.23 -7.44 -3.29
N GLU A 100 6.31 -6.72 -3.95
CA GLU A 100 6.70 -5.53 -4.68
C GLU A 100 7.18 -4.41 -3.74
N LEU A 101 6.55 -4.31 -2.58
CA LEU A 101 6.99 -3.40 -1.55
C LEU A 101 8.38 -3.75 -1.07
N ALA A 102 8.63 -5.04 -0.83
CA ALA A 102 9.95 -5.51 -0.44
C ALA A 102 10.99 -5.09 -1.47
N LEU A 103 10.67 -5.27 -2.76
CA LEU A 103 11.62 -4.98 -3.80
C LEU A 103 11.89 -3.49 -3.90
N LYS A 104 10.86 -2.68 -3.63
CA LYS A 104 11.01 -1.26 -3.75
C LYS A 104 11.94 -0.72 -2.65
N ILE A 105 11.85 -1.25 -1.44
CA ILE A 105 12.75 -0.86 -0.35
C ILE A 105 14.21 -1.20 -0.68
N SER A 106 14.44 -2.43 -1.10
CA SER A 106 15.75 -2.79 -1.59
C SER A 106 16.29 -1.97 -2.77
N ALA A 107 15.47 -1.67 -3.76
CA ALA A 107 15.90 -0.89 -4.92
C ALA A 107 16.30 0.52 -4.49
N GLU A 108 15.62 1.10 -3.51
CA GLU A 108 15.95 2.45 -3.06
C GLU A 108 17.20 2.54 -2.19
N ASN A 109 17.61 1.43 -1.60
CA ASN A 109 18.83 1.41 -0.80
C ASN A 109 19.86 0.63 -1.63
N GLY A 110 20.79 -0.10 -1.04
CA GLY A 110 21.78 -0.73 -1.93
C GLY A 110 21.40 -2.07 -2.58
N LEU A 111 20.25 -2.64 -2.27
CA LEU A 111 20.21 -4.09 -2.09
C LEU A 111 19.69 -4.90 -3.26
N GLU A 112 19.55 -4.23 -4.39
CA GLU A 112 19.40 -4.79 -5.72
C GLU A 112 19.92 -6.21 -5.92
N GLU A 113 21.18 -6.45 -5.58
CA GLU A 113 21.80 -7.75 -5.88
C GLU A 113 21.99 -8.59 -4.61
N SER A 114 20.93 -8.73 -3.85
CA SER A 114 21.04 -9.50 -2.60
C SER A 114 20.38 -10.88 -2.68
N ASP A 115 20.67 -11.70 -1.68
CA ASP A 115 20.08 -13.00 -1.52
C ASP A 115 18.54 -12.93 -1.42
N LYS A 116 18.05 -12.14 -0.47
CA LYS A 116 16.63 -11.84 -0.30
C LYS A 116 15.97 -11.37 -1.58
N VAL A 117 16.60 -10.45 -2.27
CA VAL A 117 15.98 -9.86 -3.46
C VAL A 117 15.77 -10.86 -4.59
N ALA A 118 16.77 -11.71 -4.81
CA ALA A 118 16.66 -12.72 -5.84
C ALA A 118 15.53 -13.70 -5.46
N THR A 119 15.44 -14.05 -4.17
CA THR A 119 14.37 -14.93 -3.67
C THR A 119 12.99 -14.31 -3.91
N ILE A 120 12.87 -13.04 -3.51
CA ILE A 120 11.63 -12.31 -3.69
C ILE A 120 11.23 -12.30 -5.18
N LYS A 121 12.16 -12.03 -6.07
CA LYS A 121 11.83 -11.93 -7.49
C LYS A 121 11.35 -13.27 -8.05
N ASN A 122 11.97 -14.36 -7.59
CA ASN A 122 11.50 -15.70 -7.92
C ASN A 122 10.07 -15.87 -7.42
N ASN A 123 9.84 -15.66 -6.13
CA ASN A 123 8.50 -15.87 -5.56
C ASN A 123 7.45 -14.96 -6.21
N LEU A 124 7.81 -13.71 -6.49
CA LEU A 124 6.93 -12.80 -7.18
C LEU A 124 6.62 -13.26 -8.58
N ALA A 125 7.64 -13.72 -9.32
CA ALA A 125 7.42 -14.26 -10.64
C ALA A 125 6.37 -15.37 -10.62
N MET A 126 6.41 -16.21 -9.59
CA MET A 126 5.47 -17.31 -9.49
C MET A 126 4.02 -16.81 -9.29
N ILE A 127 3.86 -15.71 -8.54
CA ILE A 127 2.55 -15.13 -8.34
C ILE A 127 2.06 -14.55 -9.68
N PHE A 128 2.93 -13.86 -10.41
CA PHE A 128 2.58 -13.39 -11.71
C PHE A 128 2.16 -14.50 -12.69
N LYS A 129 2.83 -15.67 -12.63
CA LYS A 129 2.35 -16.80 -13.38
C LYS A 129 0.88 -17.11 -13.01
N GLN A 130 0.54 -17.14 -11.74
CA GLN A 130 -0.82 -17.40 -11.30
C GLN A 130 -1.77 -16.30 -11.74
N LEU A 131 -1.29 -15.05 -11.74
CA LEU A 131 -2.07 -13.91 -12.27
C LEU A 131 -2.18 -13.93 -13.78
N ARG A 132 -1.57 -14.94 -14.43
CA ARG A 132 -1.54 -15.05 -15.87
C ARG A 132 -0.92 -13.82 -16.50
N LYS A 133 0.18 -13.33 -15.95
CA LYS A 133 0.98 -12.31 -16.58
C LYS A 133 2.35 -12.83 -16.92
N PHE A 134 2.42 -13.49 -18.05
CA PHE A 134 3.60 -14.29 -18.42
C PHE A 134 4.88 -13.46 -18.55
N GLU A 135 4.77 -12.32 -19.24
CA GLU A 135 5.93 -11.45 -19.55
C GLU A 135 6.52 -10.92 -18.26
N ARG A 136 5.67 -10.49 -17.33
CA ARG A 136 6.17 -10.02 -16.01
C ARG A 136 6.82 -11.14 -15.24
N ALA A 137 6.22 -12.34 -15.28
CA ALA A 137 6.81 -13.54 -14.65
C ALA A 137 8.18 -13.89 -15.23
N GLU A 138 8.25 -13.95 -16.55
CA GLU A 138 9.55 -14.21 -17.18
C GLU A 138 10.64 -13.21 -16.76
N GLY A 139 10.33 -11.90 -16.84
CA GLY A 139 11.23 -10.85 -16.42
C GLY A 139 11.80 -11.08 -15.04
N TYR A 140 10.95 -11.27 -14.04
CA TYR A 140 11.43 -11.48 -12.69
C TYR A 140 12.19 -12.75 -12.52
N TYR A 141 11.76 -13.84 -13.18
CA TYR A 141 12.51 -15.08 -13.06
C TYR A 141 13.96 -14.88 -13.59
N CYS A 142 14.09 -14.20 -14.74
CA CYS A 142 15.40 -13.96 -15.34
C CYS A 142 16.28 -13.15 -14.43
N GLU A 143 15.71 -12.11 -13.82
CA GLU A 143 16.47 -11.35 -12.83
C GLU A 143 16.89 -12.18 -11.63
N ALA A 144 15.99 -13.00 -11.10
CA ALA A 144 16.36 -13.89 -9.99
C ALA A 144 17.48 -14.83 -10.40
N LEU A 145 17.36 -15.39 -11.61
CA LEU A 145 18.37 -16.27 -12.21
C LEU A 145 19.78 -15.63 -12.31
N GLU A 146 19.90 -14.49 -13.00
CA GLU A 146 21.17 -13.71 -13.03
C GLU A 146 21.71 -13.43 -11.63
N THR A 147 20.89 -12.97 -10.71
CA THR A 147 21.42 -12.65 -9.38
C THR A 147 21.95 -13.88 -8.67
N PHE A 148 21.24 -14.99 -8.73
CA PHE A 148 21.74 -16.20 -8.12
C PHE A 148 23.01 -16.73 -8.83
N GLN A 149 23.07 -16.54 -10.14
CA GLN A 149 24.28 -16.87 -10.89
C GLN A 149 25.48 -16.08 -10.35
N ARG A 150 25.33 -14.78 -10.18
CA ARG A 150 26.40 -13.94 -9.65
C ARG A 150 26.69 -14.18 -8.17
N LEU A 151 25.73 -14.66 -7.40
CA LEU A 151 25.94 -14.83 -5.97
C LEU A 151 26.48 -16.17 -5.62
N ASP A 152 25.86 -17.21 -6.18
CA ASP A 152 26.26 -18.62 -5.96
C ASP A 152 26.94 -18.97 -7.28
N GLY A 153 27.57 -20.13 -7.42
CA GLY A 153 28.07 -20.50 -8.75
C GLY A 153 26.89 -20.75 -9.69
N GLU A 154 27.14 -20.95 -10.99
CA GLU A 154 26.13 -21.66 -11.81
C GLU A 154 25.77 -23.02 -11.19
N GLN A 155 26.73 -23.63 -10.51
CA GLN A 155 26.49 -24.91 -9.91
C GLN A 155 25.93 -24.72 -8.52
N SER A 156 24.64 -24.39 -8.41
CA SER A 156 23.98 -24.27 -7.08
C SER A 156 22.52 -24.63 -7.12
N ALA A 157 22.00 -25.02 -5.98
CA ALA A 157 20.62 -25.42 -5.83
C ALA A 157 19.63 -24.29 -6.25
N ARG A 158 19.95 -23.06 -5.83
CA ARG A 158 19.11 -21.92 -6.10
C ARG A 158 19.03 -21.56 -7.58
N VAL A 159 20.16 -21.67 -8.29
CA VAL A 159 20.16 -21.50 -9.74
C VAL A 159 19.29 -22.56 -10.41
N ALA A 160 19.45 -23.82 -9.97
CA ALA A 160 18.68 -24.88 -10.60
C ALA A 160 17.19 -24.70 -10.32
N SER A 161 16.85 -24.25 -9.11
CA SER A 161 15.44 -23.96 -8.78
C SER A 161 14.80 -22.89 -9.70
N VAL A 162 15.54 -21.82 -9.99
CA VAL A 162 14.99 -20.83 -10.88
C VAL A 162 14.88 -21.36 -12.30
N TYR A 163 15.88 -22.13 -12.72
CA TYR A 163 15.79 -22.82 -14.01
C TYR A 163 14.53 -23.68 -14.10
N ASN A 164 14.32 -24.53 -13.10
CA ASN A 164 13.10 -25.30 -12.98
C ASN A 164 11.81 -24.44 -13.11
N ASN A 165 11.74 -23.35 -12.32
CA ASN A 165 10.56 -22.47 -12.30
C ASN A 165 10.32 -21.81 -13.64
N LEU A 166 11.38 -21.37 -14.30
CA LEU A 166 11.24 -20.90 -15.68
C LEU A 166 10.76 -21.99 -16.63
N GLY A 167 11.26 -23.21 -16.42
CA GLY A 167 10.89 -24.34 -17.23
C GLY A 167 9.38 -24.53 -17.19
N VAL A 168 8.83 -24.56 -15.98
CA VAL A 168 7.40 -24.76 -15.79
C VAL A 168 6.61 -23.59 -16.39
N LEU A 169 7.18 -22.38 -16.31
CA LEU A 169 6.53 -21.22 -16.87
C LEU A 169 6.43 -21.36 -18.38
N TYR A 170 7.57 -21.70 -19.02
CA TYR A 170 7.58 -21.83 -20.47
C TYR A 170 6.71 -22.98 -20.88
N TYR A 171 6.79 -24.09 -20.15
CA TYR A 171 5.95 -25.24 -20.45
C TYR A 171 4.46 -24.89 -20.39
N SER A 172 4.03 -24.18 -19.34
CA SER A 172 2.63 -23.81 -19.18
C SER A 172 2.15 -22.86 -20.29
N HIS A 173 3.01 -22.01 -20.86
CA HIS A 173 2.61 -21.20 -22.03
C HIS A 173 2.93 -21.86 -23.35
N MET A 174 3.11 -23.18 -23.31
CA MET A 174 3.49 -24.01 -24.45
C MET A 174 4.69 -23.54 -25.32
N ASP A 175 5.63 -22.79 -24.73
CA ASP A 175 6.97 -22.64 -25.34
C ASP A 175 7.83 -23.84 -24.97
N VAL A 176 7.65 -24.93 -25.71
CA VAL A 176 8.26 -26.22 -25.42
C VAL A 176 9.80 -26.17 -25.55
N ASP A 177 10.28 -25.51 -26.59
CA ASP A 177 11.73 -25.41 -26.75
C ASP A 177 12.46 -24.80 -25.59
N ARG A 178 11.97 -23.66 -25.12
CA ARG A 178 12.64 -22.97 -24.03
C ARG A 178 12.46 -23.72 -22.72
N ALA A 179 11.30 -24.38 -22.57
CA ALA A 179 11.05 -25.25 -21.40
C ALA A 179 12.11 -26.33 -21.31
N GLN A 180 12.39 -26.95 -22.45
CA GLN A 180 13.41 -27.96 -22.52
C GLN A 180 14.79 -27.48 -22.06
N VAL A 181 15.22 -26.34 -22.63
CA VAL A 181 16.53 -25.78 -22.28
C VAL A 181 16.65 -25.58 -20.76
N MET A 182 15.66 -24.89 -20.21
CA MET A 182 15.56 -24.62 -18.78
C MET A 182 15.64 -25.88 -17.94
N HIS A 183 14.80 -26.89 -18.26
CA HIS A 183 14.83 -28.11 -17.44
C HIS A 183 16.10 -28.94 -17.56
N GLU A 184 16.73 -28.88 -18.73
CA GLU A 184 18.01 -29.57 -18.92
C GLU A 184 19.10 -28.89 -18.15
N ARG A 185 19.20 -27.56 -18.27
CA ARG A 185 20.12 -26.78 -17.40
C ARG A 185 19.92 -27.08 -15.90
N ALA A 186 18.66 -27.24 -15.49
CA ALA A 186 18.32 -27.61 -14.11
C ALA A 186 18.83 -29.01 -13.82
N LEU A 187 18.56 -29.96 -14.74
CA LEU A 187 19.06 -31.36 -14.61
C LEU A 187 20.58 -31.44 -14.47
N ALA A 188 21.28 -30.83 -15.42
CA ALA A 188 22.76 -30.70 -15.39
C ALA A 188 23.30 -30.30 -14.00
N ILE A 189 22.73 -29.23 -13.43
CA ILE A 189 23.17 -28.76 -12.12
C ILE A 189 22.79 -29.77 -11.04
N ARG A 190 21.55 -30.24 -11.07
CA ARG A 190 21.05 -31.03 -9.95
C ARG A 190 21.71 -32.39 -9.76
N GLN A 191 22.20 -32.96 -10.86
CA GLN A 191 22.99 -34.19 -10.83
C GLN A 191 24.30 -34.06 -10.07
N ASN A 192 24.96 -32.91 -10.22
CA ASN A 192 26.29 -32.63 -9.65
C ASN A 192 26.31 -32.20 -8.17
N LEU A 193 25.18 -32.37 -7.48
CA LEU A 193 24.99 -31.84 -6.15
C LEU A 193 24.23 -32.85 -5.31
N HIS A 194 24.97 -33.71 -4.59
CA HIS A 194 24.43 -34.95 -3.98
C HIS A 194 23.97 -34.84 -2.50
N GLU A 195 24.84 -34.32 -1.64
CA GLU A 195 24.59 -34.15 -0.22
C GLU A 195 23.33 -33.34 0.15
N GLY A 196 23.16 -33.20 1.47
CA GLY A 196 22.18 -32.34 2.11
C GLY A 196 22.04 -30.90 1.62
N GLN A 197 22.86 -30.49 0.63
CA GLN A 197 22.67 -29.23 -0.09
C GLN A 197 21.55 -29.31 -1.17
N MET A 198 21.03 -30.52 -1.39
CA MET A 198 19.84 -30.75 -2.21
C MET A 198 19.26 -32.14 -1.91
N ASP A 199 17.98 -32.16 -1.63
CA ASP A 199 17.27 -33.43 -1.43
C ASP A 199 17.01 -34.08 -2.82
N PRO A 200 16.90 -35.42 -2.85
CA PRO A 200 16.67 -36.08 -4.14
C PRO A 200 15.27 -35.87 -4.74
N ALA A 201 14.25 -35.56 -3.92
CA ALA A 201 12.91 -35.29 -4.46
C ALA A 201 12.86 -34.14 -5.50
N ASP A 202 13.72 -33.12 -5.38
CA ASP A 202 13.87 -32.07 -6.43
C ASP A 202 14.39 -32.62 -7.74
N LEU A 203 15.29 -33.60 -7.64
CA LEU A 203 15.83 -34.25 -8.84
C LEU A 203 14.74 -35.03 -9.59
N SER A 204 13.85 -35.68 -8.84
CA SER A 204 12.72 -36.40 -9.39
C SER A 204 11.73 -35.46 -10.09
N GLN A 205 11.51 -34.27 -9.51
CA GLN A 205 10.64 -33.26 -10.14
C GLN A 205 11.19 -32.84 -11.50
N THR A 206 12.51 -32.69 -11.58
CA THR A 206 13.11 -32.31 -12.84
C THR A 206 12.86 -33.35 -13.93
N PHE A 207 12.99 -34.64 -13.59
CA PHE A 207 12.70 -35.71 -14.54
C PHE A 207 11.24 -35.73 -14.92
N ILE A 208 10.37 -35.68 -13.92
CA ILE A 208 8.94 -35.51 -14.13
C ILE A 208 8.66 -34.35 -15.12
N ASN A 209 9.27 -33.18 -14.89
CA ASN A 209 9.03 -32.01 -15.74
C ASN A 209 9.62 -32.20 -17.14
N LEU A 210 10.83 -32.74 -17.22
CA LEU A 210 11.43 -33.14 -18.50
C LEU A 210 10.53 -34.11 -19.27
N GLY A 211 9.95 -35.07 -18.54
CA GLY A 211 9.01 -36.01 -19.11
C GLY A 211 7.88 -35.33 -19.84
N ALA A 212 7.19 -34.41 -19.15
CA ALA A 212 6.09 -33.67 -19.81
C ALA A 212 6.56 -32.81 -20.99
N VAL A 213 7.80 -32.32 -20.92
CA VAL A 213 8.35 -31.47 -21.98
C VAL A 213 8.69 -32.33 -23.20
N TYR A 214 9.43 -33.42 -22.97
CA TYR A 214 9.74 -34.32 -24.06
C TYR A 214 8.46 -34.89 -24.73
N LYS A 215 7.46 -35.22 -23.93
CA LYS A 215 6.20 -35.74 -24.46
C LYS A 215 5.52 -34.68 -25.34
N ALA A 216 5.48 -33.44 -24.87
CA ALA A 216 5.00 -32.28 -25.66
C ALA A 216 5.84 -32.06 -26.93
N ALA A 217 7.13 -32.37 -26.88
CA ALA A 217 8.00 -32.25 -28.04
C ALA A 217 7.84 -33.40 -29.07
N GLY A 218 7.02 -34.41 -28.77
CA GLY A 218 6.93 -35.64 -29.59
C GLY A 218 8.10 -36.64 -29.49
N ASP A 219 8.86 -36.57 -28.40
CA ASP A 219 9.91 -37.54 -28.14
C ASP A 219 9.50 -38.45 -26.94
N PHE A 220 8.59 -39.36 -27.24
CA PHE A 220 7.89 -40.16 -26.24
C PHE A 220 8.80 -41.16 -25.55
N GLN A 221 9.87 -41.50 -26.26
CA GLN A 221 10.97 -42.37 -25.83
C GLN A 221 11.67 -41.70 -24.62
N LYS A 222 12.18 -40.47 -24.82
CA LYS A 222 12.98 -39.77 -23.82
C LYS A 222 12.07 -39.38 -22.69
N ALA A 223 10.81 -39.12 -23.05
CA ALA A 223 9.74 -38.87 -22.07
C ALA A 223 9.61 -40.02 -21.07
N GLU A 224 9.38 -41.24 -21.57
CA GLU A 224 9.25 -42.40 -20.67
C GLU A 224 10.53 -42.66 -19.88
N ALA A 225 11.71 -42.51 -20.52
CA ALA A 225 13.00 -42.65 -19.84
C ALA A 225 13.10 -41.73 -18.60
N CYS A 226 12.59 -40.50 -18.74
CA CYS A 226 12.57 -39.52 -17.64
C CYS A 226 11.59 -39.92 -16.55
N VAL A 227 10.35 -40.21 -16.96
CA VAL A 227 9.30 -40.68 -16.03
C VAL A 227 9.76 -41.96 -15.27
N ASP A 228 10.48 -42.83 -15.95
CA ASP A 228 11.12 -43.98 -15.32
C ASP A 228 12.12 -43.57 -14.25
N ARG A 229 13.09 -42.69 -14.61
CA ARG A 229 14.12 -42.33 -13.64
C ARG A 229 13.58 -41.59 -12.43
N ALA A 230 12.43 -40.93 -12.58
CA ALA A 230 11.77 -40.25 -11.45
C ALA A 230 11.16 -41.27 -10.54
N LYS A 231 10.58 -42.31 -11.12
CA LYS A 231 9.97 -43.41 -10.37
C LYS A 231 11.04 -44.17 -9.58
N ARG A 232 12.18 -44.45 -10.23
CA ARG A 232 13.35 -45.07 -9.57
C ARG A 232 13.82 -44.27 -8.34
N ILE A 233 13.87 -42.94 -8.47
CA ILE A 233 14.29 -42.05 -7.40
C ILE A 233 13.30 -42.06 -6.21
N ARG A 234 12.04 -41.82 -6.50
CA ARG A 234 10.95 -41.83 -5.50
C ARG A 234 10.84 -43.17 -4.78
N ALA A 235 11.09 -44.27 -5.51
CA ALA A 235 11.20 -45.60 -4.91
C ALA A 235 12.44 -45.74 -4.03
N ALA A 236 13.61 -45.29 -4.51
CA ALA A 236 14.88 -45.43 -3.80
C ALA A 236 15.03 -44.61 -2.50
N MET A 237 14.06 -43.74 -2.21
CA MET A 237 14.08 -42.97 -0.95
C MET A 237 13.22 -43.61 0.15
N ASN A 238 12.65 -44.77 -0.14
CA ASN A 238 12.25 -45.69 0.93
C ASN A 238 13.33 -46.58 1.59
N GLY A 239 14.40 -46.92 0.85
CA GLY A 239 15.49 -47.70 1.39
C GLY A 239 15.15 -49.16 1.59
N TYR A 240 16.06 -50.04 1.18
CA TYR A 240 15.90 -51.48 1.26
C TYR A 240 16.56 -52.00 2.52
N HIS A 241 15.75 -52.65 3.36
CA HIS A 241 16.24 -53.25 4.62
C HIS A 241 15.98 -54.75 4.69
N PRO A 242 16.99 -55.56 4.28
CA PRO A 242 16.83 -57.02 4.35
C PRO A 242 16.53 -57.51 5.74
N ASN A 243 15.80 -58.62 5.84
CA ASN A 243 15.46 -59.25 7.10
C ASN A 243 15.95 -60.70 7.06
N PRO A 244 17.29 -60.91 7.02
CA PRO A 244 17.80 -62.29 6.93
C PRO A 244 17.35 -63.07 8.16
N ARG A 245 16.90 -64.30 7.98
CA ARG A 245 16.30 -65.06 9.09
C ARG A 245 16.31 -66.55 8.83
N ARG A 246 16.03 -67.31 9.89
CA ARG A 246 16.02 -68.78 9.78
C ARG A 246 14.64 -69.35 10.03
N SER A 247 13.68 -68.48 10.35
CA SER A 247 12.28 -68.88 10.59
C SER A 247 11.33 -67.72 10.35
N ALA A 248 10.03 -68.00 10.37
CA ALA A 248 9.06 -66.95 10.02
C ALA A 248 9.07 -65.85 11.09
N SER A 249 8.82 -64.60 10.71
CA SER A 249 8.62 -63.54 11.69
C SER A 249 7.26 -63.64 12.36
N LEU A 250 7.10 -63.00 13.51
CA LEU A 250 5.84 -63.00 14.24
C LEU A 250 4.85 -62.08 13.52
N LEU A 251 3.68 -62.58 13.16
CA LEU A 251 2.72 -61.74 12.43
C LEU A 251 1.80 -61.02 13.40
N ILE A 252 1.46 -59.80 13.01
CA ILE A 252 0.50 -58.94 13.68
C ILE A 252 -0.81 -58.93 12.86
N ASP A 253 -1.94 -59.18 13.51
CA ASP A 253 -3.21 -59.20 12.81
C ASP A 253 -3.61 -57.74 12.62
N LYS A 254 -3.65 -57.32 11.35
CA LYS A 254 -3.89 -55.92 11.04
C LYS A 254 -5.32 -55.54 10.66
N SER A 255 -6.24 -56.51 10.58
CA SER A 255 -7.69 -56.27 10.32
C SER A 255 -8.29 -54.93 10.75
N ASP B 2 22.19 23.72 2.03
CA ASP B 2 21.03 22.94 1.51
C ASP B 2 19.70 23.72 1.61
N THR B 3 18.83 23.52 0.60
CA THR B 3 17.57 24.28 0.39
C THR B 3 16.55 24.17 1.56
N ALA B 4 15.68 25.19 1.67
CA ALA B 4 14.59 25.27 2.66
C ALA B 4 13.69 24.05 2.70
N LEU B 5 13.39 23.49 1.53
CA LEU B 5 12.55 22.29 1.44
C LEU B 5 13.22 21.07 2.09
N GLU B 6 14.51 20.88 1.83
CA GLU B 6 15.29 19.79 2.47
C GLU B 6 15.31 19.91 4.01
N ARG B 7 15.29 21.15 4.50
CA ARG B 7 15.24 21.45 5.92
C ARG B 7 13.89 21.10 6.53
N GLN B 8 12.83 21.52 5.86
CA GLN B 8 11.45 21.15 6.21
C GLN B 8 11.26 19.62 6.26
N ILE B 9 11.90 18.90 5.36
CA ILE B 9 11.79 17.47 5.29
C ILE B 9 12.49 16.83 6.48
N ALA B 10 13.69 17.33 6.82
CA ALA B 10 14.51 16.78 7.92
C ALA B 10 13.76 16.90 9.23
N SER B 11 13.19 18.08 9.44
CA SER B 11 12.45 18.42 10.65
C SER B 11 11.19 17.55 10.77
N ALA B 12 10.42 17.45 9.67
CA ALA B 12 9.20 16.64 9.61
C ALA B 12 9.51 15.16 9.77
N SER B 13 10.60 14.68 9.17
CA SER B 13 11.04 13.29 9.38
C SER B 13 11.39 12.99 10.82
N ARG B 14 12.15 13.88 11.49
CA ARG B 14 12.53 13.71 12.92
C ARG B 14 11.27 13.53 13.71
N SER B 15 10.37 14.49 13.50
CA SER B 15 9.13 14.56 14.21
C SER B 15 8.27 13.27 14.02
N VAL B 16 8.30 12.71 12.80
CA VAL B 16 7.65 11.43 12.48
C VAL B 16 8.29 10.25 13.26
N GLU B 17 9.63 10.16 13.14
CA GLU B 17 10.42 9.13 13.85
C GLU B 17 10.17 9.16 15.36
N GLU B 18 10.11 10.36 15.93
CA GLU B 18 9.75 10.52 17.32
C GLU B 18 8.36 9.97 17.63
N ALA B 19 7.37 10.38 16.84
CA ALA B 19 6.02 9.88 17.00
C ALA B 19 5.90 8.35 16.82
N ARG B 20 6.75 7.73 15.98
CA ARG B 20 6.75 6.26 15.89
C ARG B 20 7.04 5.57 17.25
N ARG B 21 8.15 6.01 17.86
CA ARG B 21 8.67 5.49 19.15
C ARG B 21 7.67 5.77 20.25
N LEU B 22 7.19 7.02 20.30
CA LEU B 22 6.12 7.36 21.23
C LEU B 22 4.93 6.38 21.14
N ALA B 23 4.55 5.94 19.93
CA ALA B 23 3.37 5.09 19.76
C ALA B 23 3.73 3.65 20.03
N TYR B 24 5.03 3.32 20.01
CA TYR B 24 5.54 2.06 20.57
C TYR B 24 5.33 2.01 22.10
N HIS B 25 5.82 3.05 22.80
CA HIS B 25 5.66 3.14 24.27
C HIS B 25 4.17 3.27 24.71
N ASP B 26 3.41 4.02 23.92
CA ASP B 26 2.01 4.23 24.23
C ASP B 26 1.15 4.09 22.95
N PRO B 27 0.62 2.85 22.69
CA PRO B 27 -0.08 2.60 21.42
C PRO B 27 -1.30 3.49 21.13
N ILE B 28 -1.87 4.15 22.15
CA ILE B 28 -2.98 5.10 21.87
C ILE B 28 -2.54 6.44 21.16
N ARG B 29 -1.24 6.77 21.26
CA ARG B 29 -0.59 7.85 20.51
C ARG B 29 -0.35 7.56 19.01
N VAL B 30 -1.15 6.67 18.39
CA VAL B 30 -1.21 6.50 16.95
C VAL B 30 -1.75 7.76 16.27
N GLY B 31 -2.73 8.39 16.90
CA GLY B 31 -3.30 9.65 16.42
C GLY B 31 -2.27 10.70 16.13
N ALA B 32 -1.34 10.90 17.05
CA ALA B 32 -0.27 11.91 16.89
C ALA B 32 0.71 11.52 15.79
N LEU B 33 0.94 10.22 15.60
CA LEU B 33 1.80 9.74 14.52
C LEU B 33 1.21 10.15 13.20
N VAL B 34 -0.12 10.00 13.05
CA VAL B 34 -0.83 10.36 11.84
C VAL B 34 -0.65 11.84 11.56
N GLU B 35 -0.84 12.68 12.57
CA GLU B 35 -0.63 14.11 12.41
C GLU B 35 0.75 14.49 11.91
N GLN B 36 1.77 13.91 12.51
CA GLN B 36 3.16 14.17 12.09
C GLN B 36 3.38 13.61 10.69
N ILE B 37 2.80 12.45 10.39
CA ILE B 37 2.85 11.88 9.04
C ILE B 37 2.21 12.84 8.02
N SER B 38 1.06 13.44 8.34
CA SER B 38 0.43 14.33 7.41
C SER B 38 1.36 15.46 6.91
N VAL B 39 2.18 15.98 7.82
CA VAL B 39 3.10 17.07 7.49
C VAL B 39 4.23 16.59 6.55
N LEU B 40 4.81 15.44 6.87
CA LEU B 40 5.86 14.87 6.06
C LEU B 40 5.31 14.46 4.69
N ALA B 41 4.12 13.82 4.68
CA ALA B 41 3.49 13.36 3.43
C ALA B 41 3.23 14.57 2.54
N ASP B 42 2.69 15.64 3.13
CA ASP B 42 2.56 16.94 2.39
C ASP B 42 3.83 17.36 1.65
N LEU B 43 4.98 17.22 2.31
CA LEU B 43 6.20 17.71 1.76
C LEU B 43 6.62 16.81 0.61
N ARG B 44 6.42 15.51 0.78
CA ARG B 44 6.79 14.56 -0.25
C ARG B 44 5.91 14.77 -1.48
N GLN B 45 4.65 15.13 -1.28
CA GLN B 45 3.77 15.47 -2.41
C GLN B 45 4.24 16.72 -3.16
N LYS B 46 4.67 17.71 -2.40
CA LYS B 46 5.16 18.93 -2.98
C LYS B 46 6.35 18.65 -3.86
N GLU B 47 7.24 17.74 -3.45
CA GLU B 47 8.36 17.38 -4.30
C GLU B 47 8.02 16.30 -5.35
N GLY B 48 6.77 15.89 -5.39
CA GLY B 48 6.36 14.87 -6.34
C GLY B 48 6.65 13.42 -5.99
N ASP B 49 7.27 13.15 -4.83
CA ASP B 49 7.44 11.77 -4.38
C ASP B 49 6.15 11.14 -3.77
N PHE B 50 5.18 10.80 -4.65
CA PHE B 50 3.89 10.31 -4.21
C PHE B 50 3.92 8.92 -3.57
N ARG B 51 4.81 8.02 -4.06
CA ARG B 51 4.95 6.70 -3.44
C ARG B 51 5.50 6.80 -2.01
N LYS B 52 6.35 7.80 -1.72
CA LYS B 52 6.80 7.96 -0.35
C LYS B 52 5.69 8.41 0.53
N ALA B 53 4.90 9.38 0.04
CA ALA B 53 3.76 9.87 0.79
C ALA B 53 2.79 8.71 1.09
N GLU B 54 2.54 7.88 0.07
CA GLU B 54 1.64 6.75 0.22
C GLU B 54 2.17 5.76 1.27
N SER B 55 3.47 5.52 1.27
CA SER B 55 4.08 4.59 2.25
C SER B 55 3.82 4.99 3.66
N LEU B 56 3.96 6.30 3.93
CA LEU B 56 3.70 6.84 5.27
C LEU B 56 2.27 6.59 5.73
N TYR B 57 1.31 6.79 4.82
CA TYR B 57 -0.10 6.61 5.17
C TYR B 57 -0.46 5.15 5.31
N ARG B 58 0.20 4.30 4.54
CA ARG B 58 -0.02 2.87 4.67
C ARG B 58 0.49 2.40 6.04
N GLU B 59 1.60 2.99 6.44
CA GLU B 59 2.14 2.64 7.75
C GLU B 59 1.18 3.05 8.86
N ALA B 60 0.71 4.32 8.77
CA ALA B 60 -0.27 4.83 9.71
C ALA B 60 -1.49 3.90 9.78
N LEU B 61 -1.93 3.43 8.61
CA LEU B 61 -3.05 2.57 8.51
C LEU B 61 -2.83 1.23 9.24
N PHE B 62 -1.66 0.61 9.02
CA PHE B 62 -1.35 -0.65 9.71
C PHE B 62 -1.35 -0.48 11.21
N ARG B 63 -0.73 0.59 11.70
CA ARG B 63 -0.75 0.89 13.14
C ARG B 63 -2.17 1.03 13.68
N ALA B 64 -3.02 1.74 12.96
CA ALA B 64 -4.40 1.92 13.37
C ALA B 64 -5.16 0.59 13.37
N GLN B 65 -4.88 -0.23 12.38
CA GLN B 65 -5.50 -1.51 12.32
C GLN B 65 -5.15 -2.45 13.46
N GLU B 66 -3.95 -2.29 14.01
CA GLU B 66 -3.46 -3.20 15.03
C GLU B 66 -3.82 -2.73 16.42
N LEU B 67 -4.45 -1.56 16.58
CA LEU B 67 -4.96 -1.16 17.92
C LEU B 67 -5.82 -2.27 18.54
N ARG B 68 -5.62 -2.53 19.83
CA ARG B 68 -6.48 -3.51 20.49
C ARG B 68 -7.94 -3.03 20.63
N LYS B 69 -8.09 -1.74 20.94
CA LYS B 69 -9.41 -1.11 20.85
C LYS B 69 -9.48 -0.32 19.52
N GLN B 70 -10.33 -0.79 18.60
CA GLN B 70 -10.45 -0.16 17.27
C GLN B 70 -10.91 1.28 17.40
N ASP B 71 -10.22 2.19 16.70
CA ASP B 71 -10.66 3.57 16.57
C ASP B 71 -11.12 3.84 15.11
N PRO B 72 -12.40 3.60 14.84
CA PRO B 72 -12.86 3.77 13.45
C PRO B 72 -12.73 5.25 12.96
N ASP B 73 -12.89 6.21 13.84
CA ASP B 73 -12.71 7.59 13.46
C ASP B 73 -11.30 7.87 12.91
N LEU B 74 -10.29 7.27 13.53
CA LEU B 74 -8.94 7.41 13.13
C LEU B 74 -8.74 6.77 11.70
N LEU B 75 -9.31 5.57 11.48
CA LEU B 75 -9.22 4.89 10.21
C LEU B 75 -9.89 5.69 9.11
N THR B 76 -11.10 6.18 9.39
CA THR B 76 -11.83 7.08 8.51
C THR B 76 -10.93 8.22 8.02
N GLY B 77 -10.27 8.89 8.98
CA GLY B 77 -9.39 10.01 8.67
C GLY B 77 -8.18 9.61 7.84
N ILE B 78 -7.58 8.48 8.16
CA ILE B 78 -6.40 8.01 7.44
C ILE B 78 -6.80 7.69 5.98
N TYR B 79 -7.90 6.98 5.78
CA TYR B 79 -8.37 6.69 4.42
C TYR B 79 -8.65 7.98 3.66
N SER B 80 -9.14 9.02 4.32
CA SER B 80 -9.41 10.26 3.65
C SER B 80 -8.12 10.98 3.30
N LEU B 81 -7.08 10.83 4.11
CA LEU B 81 -5.77 11.39 3.75
C LEU B 81 -5.18 10.67 2.52
N LEU B 82 -5.37 9.35 2.42
CA LEU B 82 -4.90 8.60 1.27
C LEU B 82 -5.70 9.03 0.03
N ALA B 83 -7.02 9.21 0.22
CA ALA B 83 -7.88 9.60 -0.86
C ALA B 83 -7.41 10.93 -1.43
N HIS B 84 -7.16 11.89 -0.56
CA HIS B 84 -6.68 13.22 -0.99
C HIS B 84 -5.34 13.14 -1.68
N LEU B 85 -4.46 12.26 -1.16
CA LEU B 85 -3.17 12.01 -1.81
C LEU B 85 -3.40 11.54 -3.26
N TYR B 86 -4.23 10.51 -3.43
CA TYR B 86 -4.58 10.02 -4.77
C TYR B 86 -5.17 11.09 -5.68
N ASP B 87 -6.02 11.94 -5.10
CA ASP B 87 -6.58 13.05 -5.82
C ASP B 87 -5.47 13.99 -6.35
N ARG B 88 -4.57 14.42 -5.48
CA ARG B 88 -3.50 15.33 -5.92
C ARG B 88 -2.56 14.65 -6.91
N TRP B 89 -2.43 13.34 -6.81
CA TRP B 89 -1.59 12.55 -7.70
C TRP B 89 -2.23 12.49 -9.09
N GLY B 90 -3.55 12.63 -9.20
CA GLY B 90 -4.23 12.56 -10.51
C GLY B 90 -4.82 11.19 -10.72
N ARG B 91 -4.93 10.40 -9.66
CA ARG B 91 -5.50 9.06 -9.73
C ARG B 91 -6.94 9.15 -9.23
N MET B 92 -7.80 9.69 -10.09
CA MET B 92 -9.16 10.07 -9.69
C MET B 92 -10.02 8.91 -9.25
N ASP B 93 -9.87 7.78 -9.87
CA ASP B 93 -10.68 6.63 -9.46
C ASP B 93 -10.29 6.13 -8.08
N LYS B 94 -8.98 6.18 -7.77
CA LYS B 94 -8.49 5.65 -6.53
C LYS B 94 -8.90 6.57 -5.38
N ALA B 95 -8.89 7.87 -5.65
CA ALA B 95 -9.36 8.85 -4.68
C ALA B 95 -10.79 8.58 -4.30
N ALA B 96 -11.66 8.33 -5.28
CA ALA B 96 -13.06 8.01 -5.02
C ALA B 96 -13.18 6.74 -4.23
N GLU B 97 -12.34 5.75 -4.56
CA GLU B 97 -12.41 4.46 -3.89
C GLU B 97 -12.03 4.57 -2.40
N PHE B 98 -11.10 5.45 -2.09
CA PHE B 98 -10.57 5.57 -0.74
C PHE B 98 -11.47 6.43 0.15
N TYR B 99 -12.09 7.47 -0.43
CA TYR B 99 -13.14 8.22 0.28
C TYR B 99 -14.33 7.26 0.55
N GLU B 100 -14.64 6.38 -0.39
CA GLU B 100 -15.74 5.47 -0.20
C GLU B 100 -15.43 4.44 0.90
N LEU B 101 -14.17 4.02 1.00
CA LEU B 101 -13.74 3.17 2.10
C LEU B 101 -13.89 3.90 3.43
N ALA B 102 -13.48 5.17 3.49
CA ALA B 102 -13.69 5.98 4.68
C ALA B 102 -15.17 6.01 5.05
N LEU B 103 -16.06 6.20 4.08
CA LEU B 103 -17.48 6.32 4.34
C LEU B 103 -18.05 5.00 4.77
N LYS B 104 -17.50 3.89 4.31
CA LYS B 104 -18.01 2.58 4.68
C LYS B 104 -17.67 2.29 6.14
N ILE B 105 -16.48 2.65 6.59
CA ILE B 105 -16.11 2.50 8.00
C ILE B 105 -16.99 3.37 8.87
N SER B 106 -17.14 4.64 8.53
CA SER B 106 -18.08 5.51 9.19
C SER B 106 -19.53 5.00 9.25
N ALA B 107 -20.07 4.47 8.16
CA ALA B 107 -21.43 3.97 8.14
C ALA B 107 -21.58 2.77 9.07
N GLU B 108 -20.56 1.93 9.17
CA GLU B 108 -20.62 0.75 10.05
C GLU B 108 -20.40 1.07 11.53
N ASN B 109 -19.82 2.22 11.83
CA ASN B 109 -19.51 2.60 13.19
C ASN B 109 -20.21 3.87 13.70
N GLY B 110 -21.30 4.34 13.09
CA GLY B 110 -21.99 5.45 13.70
C GLY B 110 -21.47 6.85 13.49
N LEU B 111 -20.50 7.02 12.60
CA LEU B 111 -19.81 8.28 12.48
C LEU B 111 -20.41 9.21 11.47
N GLU B 112 -21.56 8.84 10.91
CA GLU B 112 -22.31 9.65 9.95
C GLU B 112 -22.34 11.14 10.23
N GLU B 113 -22.55 11.53 11.49
CA GLU B 113 -22.71 12.92 11.84
C GLU B 113 -21.43 13.61 12.36
N SER B 114 -20.29 13.28 11.80
CA SER B 114 -19.04 13.85 12.25
C SER B 114 -18.49 14.88 11.28
N ASP B 115 -17.53 15.60 11.77
CA ASP B 115 -16.80 16.60 11.04
C ASP B 115 -16.07 15.98 9.83
N LYS B 116 -15.25 14.96 10.08
CA LYS B 116 -14.59 14.15 9.07
C LYS B 116 -15.54 13.68 7.98
N VAL B 117 -16.67 13.12 8.39
CA VAL B 117 -17.55 12.50 7.38
C VAL B 117 -18.19 13.51 6.45
N ALA B 118 -18.57 14.65 6.97
CA ALA B 118 -19.14 15.71 6.17
C ALA B 118 -18.09 16.20 5.19
N THR B 119 -16.83 16.33 5.65
CA THR B 119 -15.71 16.74 4.78
C THR B 119 -15.49 15.72 3.67
N ILE B 120 -15.44 14.43 4.04
CA ILE B 120 -15.24 13.39 3.08
C ILE B 120 -16.35 13.46 2.01
N LYS B 121 -17.60 13.62 2.41
CA LYS B 121 -18.71 13.61 1.46
C LYS B 121 -18.62 14.78 0.51
N ASN B 122 -18.23 15.95 1.03
CA ASN B 122 -17.95 17.10 0.17
C ASN B 122 -16.84 16.74 -0.82
N ASN B 123 -15.69 16.29 -0.34
CA ASN B 123 -14.57 15.99 -1.22
C ASN B 123 -14.93 14.88 -2.25
N LEU B 124 -15.64 13.86 -1.81
CA LEU B 124 -16.08 12.80 -2.70
C LEU B 124 -17.06 13.32 -3.73
N ALA B 125 -17.98 14.19 -3.32
CA ALA B 125 -18.90 14.81 -4.27
C ALA B 125 -18.16 15.50 -5.41
N MET B 126 -17.06 16.17 -5.05
CA MET B 126 -16.30 16.88 -6.03
C MET B 126 -15.64 15.92 -7.04
N ILE B 127 -15.21 14.76 -6.55
CA ILE B 127 -14.61 13.75 -7.43
C ILE B 127 -15.70 13.20 -8.39
N PHE B 128 -16.87 12.92 -7.87
CA PHE B 128 -17.97 12.54 -8.69
C PHE B 128 -18.35 13.56 -9.77
N LYS B 129 -18.30 14.85 -9.43
CA LYS B 129 -18.45 15.86 -10.44
C LYS B 129 -17.42 15.64 -11.57
N GLN B 130 -16.16 15.42 -11.23
CA GLN B 130 -15.12 15.20 -12.23
C GLN B 130 -15.36 13.90 -13.00
N LEU B 131 -15.89 12.87 -12.33
CA LEU B 131 -16.28 11.63 -12.99
C LEU B 131 -17.57 11.78 -13.83
N ARG B 132 -18.14 12.96 -13.84
CA ARG B 132 -19.35 13.26 -14.56
C ARG B 132 -20.50 12.41 -14.05
N LYS B 133 -20.63 12.30 -12.73
CA LYS B 133 -21.80 11.60 -12.15
C LYS B 133 -22.52 12.59 -11.28
N PHE B 134 -23.37 13.40 -11.92
CA PHE B 134 -23.92 14.58 -11.29
C PHE B 134 -24.80 14.25 -10.08
N GLU B 135 -25.66 13.26 -10.22
CA GLU B 135 -26.66 12.90 -9.22
C GLU B 135 -25.97 12.39 -7.96
N ARG B 136 -24.93 11.56 -8.13
CA ARG B 136 -24.13 11.09 -6.99
C ARG B 136 -23.43 12.27 -6.29
N ALA B 137 -22.89 13.22 -7.07
CA ALA B 137 -22.28 14.43 -6.55
C ALA B 137 -23.27 15.27 -5.76
N GLU B 138 -24.42 15.55 -6.36
CA GLU B 138 -25.45 16.29 -5.62
C GLU B 138 -25.83 15.64 -4.27
N GLY B 139 -26.10 14.33 -4.27
CA GLY B 139 -26.43 13.59 -3.06
C GLY B 139 -25.39 13.78 -1.97
N TYR B 140 -24.13 13.54 -2.26
CA TYR B 140 -23.10 13.73 -1.24
C TYR B 140 -22.97 15.16 -0.79
N TYR B 141 -23.07 16.12 -1.72
CA TYR B 141 -22.97 17.51 -1.28
C TYR B 141 -24.10 17.86 -0.29
N CYS B 142 -25.33 17.39 -0.57
CA CYS B 142 -26.48 17.67 0.27
C CYS B 142 -26.32 17.09 1.64
N GLU B 143 -25.80 15.87 1.71
CA GLU B 143 -25.49 15.27 2.99
C GLU B 143 -24.43 16.05 3.74
N ALA B 144 -23.36 16.47 3.07
CA ALA B 144 -22.32 17.28 3.69
C ALA B 144 -22.93 18.57 4.23
N LEU B 145 -23.79 19.19 3.41
CA LEU B 145 -24.50 20.44 3.77
C LEU B 145 -25.34 20.30 5.04
N GLU B 146 -26.30 19.36 5.09
CA GLU B 146 -27.07 19.07 6.30
C GLU B 146 -26.14 18.82 7.54
N THR B 147 -25.10 17.99 7.40
CA THR B 147 -24.25 17.72 8.54
C THR B 147 -23.55 18.97 9.07
N PHE B 148 -22.99 19.76 8.18
CA PHE B 148 -22.36 20.99 8.59
C PHE B 148 -23.37 21.99 9.18
N GLN B 149 -24.59 22.00 8.63
CA GLN B 149 -25.66 22.82 9.19
C GLN B 149 -25.94 22.44 10.66
N ARG B 150 -26.07 21.16 10.94
CA ARG B 150 -26.31 20.70 12.31
C ARG B 150 -25.11 20.87 13.22
N LEU B 151 -23.89 20.87 12.67
CA LEU B 151 -22.73 20.95 13.53
C LEU B 151 -22.31 22.37 13.78
N ASP B 152 -22.22 23.18 12.73
CA ASP B 152 -21.77 24.57 12.79
C ASP B 152 -22.89 25.61 12.80
N GLY B 153 -24.15 25.21 12.64
CA GLY B 153 -25.20 26.20 12.38
C GLY B 153 -25.08 26.76 10.98
N GLU B 154 -26.08 27.51 10.54
CA GLU B 154 -26.06 28.05 9.19
C GLU B 154 -24.96 29.05 8.92
N GLN B 155 -24.61 29.84 9.93
CA GLN B 155 -23.64 30.91 9.70
C GLN B 155 -22.25 30.39 9.93
N SER B 156 -21.70 29.67 8.95
CA SER B 156 -20.29 29.18 9.06
C SER B 156 -19.61 29.05 7.74
N ALA B 157 -18.29 29.14 7.75
CA ALA B 157 -17.48 29.05 6.56
C ALA B 157 -17.70 27.70 5.81
N ARG B 158 -17.77 26.61 6.56
CA ARG B 158 -17.94 25.27 5.95
C ARG B 158 -19.29 25.09 5.27
N VAL B 159 -20.35 25.63 5.88
CA VAL B 159 -21.66 25.64 5.22
C VAL B 159 -21.62 26.45 3.92
N ALA B 160 -20.97 27.62 3.95
CA ALA B 160 -20.92 28.45 2.78
C ALA B 160 -20.09 27.77 1.70
N SER B 161 -19.02 27.10 2.10
CA SER B 161 -18.20 26.32 1.12
C SER B 161 -19.02 25.21 0.43
N VAL B 162 -19.86 24.48 1.18
CA VAL B 162 -20.65 23.46 0.51
C VAL B 162 -21.68 24.11 -0.41
N TYR B 163 -22.28 25.21 0.05
CA TYR B 163 -23.17 25.98 -0.83
C TYR B 163 -22.48 26.37 -2.13
N ASN B 164 -21.30 26.98 -2.02
CA ASN B 164 -20.49 27.31 -3.15
C ASN B 164 -20.25 26.09 -4.09
N ASN B 165 -19.83 24.96 -3.52
CA ASN B 165 -19.52 23.75 -4.30
C ASN B 165 -20.73 23.20 -5.01
N LEU B 166 -21.88 23.20 -4.35
CA LEU B 166 -23.13 22.87 -5.02
C LEU B 166 -23.46 23.87 -6.13
N GLY B 167 -23.19 25.15 -5.87
CA GLY B 167 -23.44 26.21 -6.83
C GLY B 167 -22.72 25.91 -8.12
N VAL B 168 -21.42 25.61 -8.01
CA VAL B 168 -20.59 25.32 -9.16
C VAL B 168 -21.07 24.04 -9.85
N LEU B 169 -21.55 23.08 -9.08
CA LEU B 169 -22.06 21.84 -9.62
C LEU B 169 -23.30 22.13 -10.47
N TYR B 170 -24.25 22.87 -9.91
CA TYR B 170 -25.49 23.19 -10.62
C TYR B 170 -25.19 24.04 -11.81
N TYR B 171 -24.30 25.01 -11.65
CA TYR B 171 -23.93 25.88 -12.76
C TYR B 171 -23.31 25.08 -13.91
N SER B 172 -22.41 24.17 -13.61
CA SER B 172 -21.75 23.36 -14.61
C SER B 172 -22.73 22.43 -15.33
N HIS B 173 -23.81 21.96 -14.70
CA HIS B 173 -24.84 21.17 -15.41
C HIS B 173 -25.97 22.08 -15.94
N MET B 174 -25.68 23.38 -16.05
CA MET B 174 -26.61 24.43 -16.46
C MET B 174 -28.02 24.49 -15.79
N ASP B 175 -28.12 23.98 -14.54
CA ASP B 175 -29.25 24.30 -13.69
C ASP B 175 -29.03 25.65 -13.01
N VAL B 176 -29.34 26.71 -13.76
CA VAL B 176 -29.05 28.09 -13.37
C VAL B 176 -29.83 28.53 -12.14
N ASP B 177 -31.10 28.16 -12.06
CA ASP B 177 -31.91 28.56 -10.91
C ASP B 177 -31.34 28.09 -9.59
N ARG B 178 -30.99 26.79 -9.53
CA ARG B 178 -30.49 26.25 -8.29
C ARG B 178 -29.08 26.78 -7.99
N ALA B 179 -28.29 27.01 -9.05
CA ALA B 179 -26.95 27.62 -8.92
C ALA B 179 -27.06 28.98 -8.25
N GLN B 180 -28.04 29.74 -8.68
CA GLN B 180 -28.29 31.04 -8.08
C GLN B 180 -28.59 30.99 -6.59
N VAL B 181 -29.52 30.13 -6.22
CA VAL B 181 -29.89 29.99 -4.79
C VAL B 181 -28.66 29.65 -3.94
N MET B 182 -27.93 28.63 -4.38
CA MET B 182 -26.69 28.19 -3.76
C MET B 182 -25.68 29.30 -3.59
N HIS B 183 -25.38 30.02 -4.67
CA HIS B 183 -24.37 31.08 -4.56
C HIS B 183 -24.79 32.28 -3.73
N GLU B 184 -26.09 32.55 -3.73
CA GLU B 184 -26.65 33.62 -2.90
C GLU B 184 -26.55 33.25 -1.45
N ARG B 185 -27.04 32.04 -1.10
CA ARG B 185 -26.85 31.52 0.28
C ARG B 185 -25.38 31.55 0.73
N ALA B 186 -24.45 31.25 -0.17
CA ALA B 186 -23.03 31.34 0.09
C ALA B 186 -22.64 32.80 0.34
N LEU B 187 -23.09 33.71 -0.54
CA LEU B 187 -22.85 35.16 -0.37
C LEU B 187 -23.36 35.69 0.99
N ALA B 188 -24.64 35.46 1.27
CA ALA B 188 -25.29 35.81 2.54
C ALA B 188 -24.43 35.44 3.76
N ILE B 189 -23.94 34.20 3.81
CA ILE B 189 -23.12 33.74 4.92
C ILE B 189 -21.78 34.43 4.91
N ARG B 190 -21.15 34.48 3.74
CA ARG B 190 -19.77 34.96 3.68
C ARG B 190 -19.57 36.44 4.01
N GLN B 191 -20.59 37.25 3.77
CA GLN B 191 -20.61 38.66 4.16
C GLN B 191 -20.56 38.86 5.68
N ASN B 192 -21.28 38.00 6.41
CA ASN B 192 -21.47 38.14 7.86
C ASN B 192 -20.32 37.69 8.76
N LEU B 193 -19.25 37.13 8.21
CA LEU B 193 -18.14 36.62 9.02
C LEU B 193 -16.88 36.75 8.22
N HIS B 194 -16.18 37.88 8.31
CA HIS B 194 -14.96 38.11 7.48
C HIS B 194 -13.61 37.80 8.16
N GLU B 195 -13.39 38.37 9.34
CA GLU B 195 -12.06 38.35 9.99
C GLU B 195 -11.59 36.94 10.35
N GLY B 196 -10.43 36.56 9.83
CA GLY B 196 -9.71 35.35 10.18
C GLY B 196 -10.40 34.02 9.93
N GLN B 197 -11.72 33.99 10.03
CA GLN B 197 -12.51 32.75 9.85
C GLN B 197 -12.80 32.44 8.37
N MET B 198 -12.38 33.34 7.48
CA MET B 198 -12.53 33.24 6.03
C MET B 198 -11.64 34.31 5.37
N ASP B 199 -10.96 33.95 4.29
CA ASP B 199 -10.21 34.88 3.46
C ASP B 199 -11.14 35.85 2.70
N PRO B 200 -10.70 37.10 2.46
CA PRO B 200 -11.53 37.96 1.59
C PRO B 200 -11.52 37.56 0.09
N ALA B 201 -10.47 36.87 -0.37
CA ALA B 201 -10.45 36.33 -1.74
C ALA B 201 -11.61 35.36 -2.05
N ASP B 202 -12.07 34.60 -1.04
CA ASP B 202 -13.28 33.76 -1.14
C ASP B 202 -14.53 34.59 -1.42
N LEU B 203 -14.61 35.77 -0.80
CA LEU B 203 -15.76 36.65 -1.01
C LEU B 203 -15.82 37.15 -2.45
N SER B 204 -14.64 37.47 -3.02
CA SER B 204 -14.53 37.89 -4.39
C SER B 204 -14.96 36.76 -5.37
N GLN B 205 -14.58 35.53 -5.05
CA GLN B 205 -14.95 34.37 -5.87
C GLN B 205 -16.48 34.21 -5.89
N THR B 206 -17.13 34.45 -4.76
CA THR B 206 -18.58 34.31 -4.73
C THR B 206 -19.26 35.32 -5.67
N PHE B 207 -18.77 36.57 -5.67
CA PHE B 207 -19.29 37.58 -6.61
C PHE B 207 -19.01 37.19 -8.06
N ILE B 208 -17.75 36.83 -8.33
CA ILE B 208 -17.37 36.23 -9.62
C ILE B 208 -18.35 35.12 -10.05
N ASN B 209 -18.64 34.18 -9.15
CA ASN B 209 -19.53 33.03 -9.47
C ASN B 209 -20.97 33.47 -9.67
N LEU B 210 -21.45 34.35 -8.78
CA LEU B 210 -22.74 35.00 -8.98
C LEU B 210 -22.86 35.73 -10.31
N GLY B 211 -21.78 36.41 -10.69
CA GLY B 211 -21.71 37.08 -11.97
C GLY B 211 -22.01 36.15 -13.13
N ALA B 212 -21.28 35.03 -13.20
CA ALA B 212 -21.51 34.07 -14.28
C ALA B 212 -22.93 33.45 -14.22
N VAL B 213 -23.50 33.34 -13.00
CA VAL B 213 -24.83 32.76 -12.83
C VAL B 213 -25.89 33.74 -13.30
N TYR B 214 -25.80 34.97 -12.80
CA TYR B 214 -26.72 36.01 -13.27
C TYR B 214 -26.68 36.22 -14.79
N LYS B 215 -25.47 36.19 -15.35
CA LYS B 215 -25.29 36.34 -16.82
C LYS B 215 -26.02 35.22 -17.56
N ALA B 216 -25.83 33.98 -17.08
CA ALA B 216 -26.54 32.81 -17.60
C ALA B 216 -28.06 32.90 -17.39
N ALA B 217 -28.49 33.59 -16.33
CA ALA B 217 -29.90 33.75 -16.05
C ALA B 217 -30.55 34.89 -16.88
N GLY B 218 -29.77 35.60 -17.69
CA GLY B 218 -30.28 36.78 -18.42
C GLY B 218 -30.44 38.08 -17.63
N ASP B 219 -29.78 38.17 -16.47
CA ASP B 219 -29.81 39.40 -15.68
C ASP B 219 -28.41 40.08 -15.69
N PHE B 220 -28.13 40.71 -16.84
CA PHE B 220 -26.79 41.20 -17.16
C PHE B 220 -26.38 42.36 -16.30
N GLN B 221 -27.39 43.06 -15.78
CA GLN B 221 -27.22 44.16 -14.85
C GLN B 221 -26.65 43.67 -13.53
N LYS B 222 -27.30 42.67 -12.91
CA LYS B 222 -26.89 42.14 -11.60
C LYS B 222 -25.56 41.42 -11.76
N ALA B 223 -25.38 40.84 -12.95
CA ALA B 223 -24.12 40.22 -13.34
C ALA B 223 -22.96 41.24 -13.26
N GLU B 224 -23.08 42.36 -13.98
CA GLU B 224 -22.02 43.38 -13.93
C GLU B 224 -21.81 43.95 -12.53
N ALA B 225 -22.90 44.18 -11.78
CA ALA B 225 -22.83 44.64 -10.38
C ALA B 225 -21.95 43.71 -9.53
N CYS B 226 -22.08 42.39 -9.74
CA CYS B 226 -21.27 41.39 -9.03
C CYS B 226 -19.82 41.45 -9.45
N VAL B 227 -19.58 41.40 -10.77
CA VAL B 227 -18.23 41.49 -11.34
C VAL B 227 -17.51 42.76 -10.87
N ASP B 228 -18.26 43.86 -10.78
CA ASP B 228 -17.77 45.10 -10.22
C ASP B 228 -17.35 44.93 -8.76
N ARG B 229 -18.25 44.41 -7.91
CA ARG B 229 -17.93 44.34 -6.48
C ARG B 229 -16.78 43.38 -6.16
N ALA B 230 -16.52 42.42 -7.05
CA ALA B 230 -15.37 41.53 -6.91
C ALA B 230 -14.10 42.29 -7.20
N LYS B 231 -14.15 43.12 -8.23
CA LYS B 231 -13.02 43.95 -8.65
C LYS B 231 -12.68 44.95 -7.55
N ARG B 232 -13.71 45.57 -6.97
CA ARG B 232 -13.58 46.50 -5.82
C ARG B 232 -12.87 45.84 -4.64
N ILE B 233 -13.25 44.60 -4.34
CA ILE B 233 -12.66 43.83 -3.22
C ILE B 233 -11.19 43.50 -3.47
N ARG B 234 -10.88 42.90 -4.63
CA ARG B 234 -9.51 42.56 -5.03
C ARG B 234 -8.59 43.79 -5.07
N ALA B 235 -9.16 44.93 -5.49
CA ALA B 235 -8.45 46.21 -5.43
C ALA B 235 -8.24 46.69 -3.98
N ALA B 236 -9.29 46.63 -3.16
CA ALA B 236 -9.26 47.13 -1.77
C ALA B 236 -8.36 46.35 -0.79
N MET B 237 -7.82 45.20 -1.23
CA MET B 237 -6.90 44.42 -0.38
C MET B 237 -5.43 44.73 -0.65
N ASN B 238 -5.17 45.62 -1.62
CA ASN B 238 -3.90 46.33 -1.69
C ASN B 238 -4.23 47.68 -1.09
N GLY B 239 -3.78 47.89 0.14
CA GLY B 239 -4.07 49.13 0.89
C GLY B 239 -3.73 50.41 0.14
N TYR B 240 -4.36 51.51 0.55
CA TYR B 240 -4.01 52.83 0.03
C TYR B 240 -3.02 53.52 0.96
N HIS B 241 -1.83 53.82 0.44
CA HIS B 241 -0.77 54.46 1.23
C HIS B 241 -0.30 55.76 0.55
N PRO B 242 -0.89 56.91 0.94
CA PRO B 242 -0.43 58.20 0.43
C PRO B 242 1.06 58.45 0.68
N ASN B 243 1.69 59.19 -0.22
CA ASN B 243 3.08 59.51 -0.10
C ASN B 243 3.26 61.03 -0.12
N PRO B 244 2.76 61.73 0.93
CA PRO B 244 2.86 63.21 0.92
C PRO B 244 4.32 63.63 0.89
N ARG B 245 4.68 64.60 0.05
CA ARG B 245 6.11 64.93 -0.16
C ARG B 245 6.27 66.28 -0.77
N ARG B 246 7.51 66.77 -0.75
CA ARG B 246 7.82 68.09 -1.25
C ARG B 246 8.72 68.06 -2.47
N SER B 247 9.13 66.86 -2.88
CA SER B 247 9.97 66.66 -4.07
C SER B 247 9.86 65.21 -4.55
N ALA B 248 10.42 64.93 -5.72
CA ALA B 248 10.18 63.59 -6.32
C ALA B 248 10.89 62.49 -5.48
N SER B 249 10.34 61.30 -5.48
CA SER B 249 11.02 60.14 -4.90
C SER B 249 12.15 59.65 -5.79
N LEU B 250 13.07 58.87 -5.20
CA LEU B 250 14.19 58.28 -5.93
C LEU B 250 13.70 57.15 -6.80
N LEU B 251 13.93 57.20 -8.11
CA LEU B 251 13.43 56.13 -8.98
C LEU B 251 14.49 55.03 -9.13
N ILE B 252 13.98 53.81 -9.26
CA ILE B 252 14.79 52.62 -9.48
C ILE B 252 14.60 52.15 -10.94
N ASP B 253 15.67 51.98 -11.70
CA ASP B 253 15.57 51.49 -13.07
C ASP B 253 15.30 49.98 -12.99
N LYS B 254 14.13 49.59 -13.43
CA LYS B 254 13.67 48.22 -13.30
C LYS B 254 13.85 47.31 -14.50
N SER B 255 14.33 47.83 -15.63
CA SER B 255 14.70 47.04 -16.84
C SER B 255 15.50 45.78 -16.52
#